data_4WUY
#
_entry.id   4WUY
#
_cell.length_a   89.025
_cell.length_b   99.920
_cell.length_c   60.297
_cell.angle_alpha   90.00
_cell.angle_beta   90.00
_cell.angle_gamma   90.00
#
_symmetry.space_group_name_H-M   'P 21 21 2'
#
loop_
_entity.id
_entity.type
_entity.pdbx_description
1 polymer 'N-lysine methyltransferase SMYD2'
2 non-polymer "5-cyano-2'-{4-[2-(3-methyl-1H-indol-1-yl)ethyl]piperazin-1-yl}-N-[3-(pyrrolidin-1-yl)propyl]biphenyl-3-carboxamide"
3 non-polymer S-ADENOSYL-L-HOMOCYSTEINE
4 non-polymer GLYCEROL
5 non-polymer 'ZINC ION'
6 water water
#
_entity_poly.entity_id   1
_entity_poly.type   'polypeptide(L)'
_entity_poly.pdbx_seq_one_letter_code
;MRAEGLGGLERFCSPGKGRGLRALQPFQVGDLLFSCPAYAYVLTVNERGNHCEYCFTRKEGLSKCGRCKQAFYCNVECQK
EDWPMHKLECSPMVVFGENWNPSETVRLTARILAKQKIHPERTPSEKLLAVKEFESHLDKLDNEKKDLIQSDIAALHHFY
SKHLGFPDNDSLVVLFAQVNCNGFTIEDEELSHLGSAIFPDVALMNHSCCPNVIVTYKGTLAEVRAVQEIKPGEEVFTSY
IDLLYPTEDRNDRLRDSYFFTCECQECTTKDKDKAKVEIRKLSDPPKAEAIRDMVRYARNVIEEFRRAKHYKSPSELLEI
CELSQEKMSSVFEDSNVYMLHMMYQAMGVCLYMQDWEGALQYGQKIIKPYSKHYPLYSLNVASMWLKLGRLYMGLEHKAA
GEKALKKAIAIMEVAHGKDHPYISEIKQEIESHEGHHHHHH
;
_entity_poly.pdbx_strand_id   A
#
loop_
_chem_comp.id
_chem_comp.type
_chem_comp.name
_chem_comp.formula
3UJ non-polymer 5-cyano-2'-{4-[2-(3-methyl-1H-indol-1-yl)ethyl]piperazin-1-yl}-N-[3-(pyrrolidin-1-yl)propyl]biphenyl-3-carboxamide 'C36 H42 N6 O'
GOL non-polymer GLYCEROL 'C3 H8 O3'
ZN non-polymer 'ZINC ION' 'Zn 2'
#
# COMPACT_ATOMS: atom_id res chain seq x y z
N GLY A 5 8.01 12.48 -21.64
CA GLY A 5 8.83 11.62 -20.74
C GLY A 5 9.03 12.20 -19.35
N LEU A 6 9.98 11.64 -18.62
CA LEU A 6 10.31 12.11 -17.28
C LEU A 6 11.79 12.48 -17.21
N GLY A 7 12.07 13.67 -16.69
CA GLY A 7 13.45 14.18 -16.62
C GLY A 7 14.39 13.26 -15.87
N GLY A 8 15.52 12.94 -16.50
CA GLY A 8 16.56 12.13 -15.87
C GLY A 8 16.28 10.65 -15.82
N LEU A 9 15.18 10.23 -16.46
CA LEU A 9 14.74 8.83 -16.46
C LEU A 9 14.29 8.38 -17.85
N GLU A 10 14.34 7.08 -18.10
CA GLU A 10 13.83 6.55 -19.36
C GLU A 10 13.21 5.17 -19.18
N ARG A 11 12.25 4.88 -20.06
CA ARG A 11 11.69 3.56 -20.19
C ARG A 11 12.68 2.71 -21.01
N PHE A 12 12.86 1.46 -20.61
CA PHE A 12 13.72 0.53 -21.34
C PHE A 12 13.21 -0.91 -21.23
N CYS A 13 13.81 -1.81 -22.00
CA CYS A 13 13.49 -3.23 -21.92
C CYS A 13 14.46 -3.90 -20.95
N SER A 14 13.92 -4.31 -19.80
CA SER A 14 14.71 -4.96 -18.76
C SER A 14 14.64 -6.47 -18.95
N PRO A 15 15.77 -7.11 -19.29
CA PRO A 15 15.77 -8.54 -19.62
C PRO A 15 15.08 -9.40 -18.56
N GLY A 16 14.04 -10.12 -18.97
CA GLY A 16 13.32 -11.04 -18.10
C GLY A 16 12.35 -10.36 -17.15
N LYS A 17 12.16 -9.04 -17.34
CA LYS A 17 11.27 -8.26 -16.47
C LYS A 17 10.27 -7.42 -17.27
N GLY A 18 10.29 -7.56 -18.59
CA GLY A 18 9.45 -6.74 -19.46
C GLY A 18 10.02 -5.33 -19.57
N ARG A 19 9.16 -4.34 -19.43
CA ARG A 19 9.58 -2.94 -19.46
C ARG A 19 9.99 -2.49 -18.07
N GLY A 20 10.91 -1.53 -17.99
CA GLY A 20 11.35 -1.02 -16.71
C GLY A 20 11.73 0.44 -16.81
N LEU A 21 12.17 1.00 -15.68
CA LEU A 21 12.59 2.38 -15.59
C LEU A 21 14.09 2.41 -15.30
N ARG A 22 14.82 3.20 -16.08
CA ARG A 22 16.28 3.29 -16.01
C ARG A 22 16.71 4.74 -15.78
N ALA A 23 17.72 4.96 -14.92
CA ALA A 23 18.24 6.31 -14.67
C ALA A 23 19.10 6.79 -15.84
N LEU A 24 18.91 8.06 -16.22
CA LEU A 24 19.79 8.72 -17.18
C LEU A 24 20.89 9.44 -16.42
N GLN A 25 20.57 9.88 -15.22
CA GLN A 25 21.46 10.67 -14.39
C GLN A 25 21.53 10.09 -12.98
N PRO A 26 22.54 10.51 -12.18
CA PRO A 26 22.60 10.00 -10.81
C PRO A 26 21.50 10.60 -9.93
N PHE A 27 21.11 9.84 -8.92
CA PHE A 27 20.24 10.34 -7.86
C PHE A 27 20.86 9.97 -6.52
N GLN A 28 20.81 10.90 -5.57
CA GLN A 28 21.32 10.64 -4.23
C GLN A 28 20.16 10.34 -3.29
N VAL A 29 20.47 9.71 -2.16
CA VAL A 29 19.48 9.41 -1.13
C VAL A 29 18.63 10.66 -0.82
N GLY A 30 17.30 10.49 -0.86
CA GLY A 30 16.39 11.58 -0.56
C GLY A 30 15.89 12.36 -1.76
N ASP A 31 16.58 12.23 -2.90
CA ASP A 31 16.22 12.94 -4.12
C ASP A 31 14.87 12.48 -4.64
N LEU A 32 14.04 13.43 -5.05
CA LEU A 32 12.80 13.13 -5.74
C LEU A 32 13.07 12.81 -7.22
N LEU A 33 12.86 11.56 -7.60
CA LEU A 33 13.02 11.13 -9.00
C LEU A 33 11.91 11.72 -9.87
N PHE A 34 10.67 11.50 -9.44
CA PHE A 34 9.50 12.03 -10.12
C PHE A 34 8.27 11.95 -9.24
N SER A 35 7.22 12.67 -9.63
N SER A 35 7.24 12.69 -9.64
CA SER A 35 5.91 12.56 -9.01
CA SER A 35 5.91 12.61 -9.05
C SER A 35 4.87 12.31 -10.09
C SER A 35 4.99 12.10 -10.13
N CYS A 36 3.83 11.58 -9.73
CA CYS A 36 2.84 11.11 -10.68
C CYS A 36 1.44 11.36 -10.12
N PRO A 37 0.65 12.24 -10.77
N PRO A 37 0.68 12.29 -10.74
CA PRO A 37 -0.71 12.48 -10.31
CA PRO A 37 -0.71 12.47 -10.31
C PRO A 37 -1.57 11.27 -10.62
C PRO A 37 -1.51 11.21 -10.58
N ALA A 38 -2.46 10.90 -9.70
CA ALA A 38 -3.32 9.72 -9.88
C ALA A 38 -4.15 9.83 -11.16
N TYR A 39 -4.10 8.78 -11.99
CA TYR A 39 -4.92 8.71 -13.19
C TYR A 39 -6.39 8.51 -12.80
N ALA A 40 -6.60 7.59 -11.87
CA ALA A 40 -7.91 7.37 -11.26
C ALA A 40 -7.66 6.94 -9.82
N TYR A 41 -8.60 7.23 -8.93
CA TYR A 41 -8.44 6.90 -7.51
C TYR A 41 -9.78 6.89 -6.81
N VAL A 42 -9.86 6.20 -5.68
CA VAL A 42 -11.09 6.13 -4.90
C VAL A 42 -10.74 6.03 -3.42
N LEU A 43 -11.43 6.84 -2.60
CA LEU A 43 -11.27 6.77 -1.14
C LEU A 43 -12.04 5.58 -0.63
N THR A 44 -11.40 4.78 0.22
CA THR A 44 -12.00 3.57 0.76
C THR A 44 -13.23 3.94 1.61
N VAL A 45 -14.25 3.10 1.57
CA VAL A 45 -15.52 3.39 2.25
C VAL A 45 -15.33 3.76 3.72
N ASN A 46 -14.47 3.02 4.42
CA ASN A 46 -14.29 3.22 5.86
C ASN A 46 -13.63 4.54 6.26
N GLU A 47 -13.07 5.25 5.28
CA GLU A 47 -12.44 6.54 5.53
C GLU A 47 -13.33 7.73 5.12
N ARG A 48 -14.52 7.43 4.63
CA ARG A 48 -15.48 8.49 4.29
C ARG A 48 -15.76 9.35 5.52
N GLY A 49 -15.70 10.67 5.33
CA GLY A 49 -15.90 11.61 6.42
C GLY A 49 -14.62 12.05 7.13
N ASN A 50 -13.52 11.34 6.86
CA ASN A 50 -12.22 11.67 7.46
C ASN A 50 -11.27 12.36 6.48
N HIS A 51 -11.42 12.04 5.20
CA HIS A 51 -10.61 12.60 4.14
C HIS A 51 -11.52 13.18 3.07
N CYS A 52 -11.06 14.26 2.44
CA CYS A 52 -11.73 14.78 1.25
C CYS A 52 -11.63 13.77 0.10
N GLU A 53 -12.77 13.47 -0.54
CA GLU A 53 -12.80 12.49 -1.64
C GLU A 53 -11.97 12.95 -2.83
N TYR A 54 -11.89 14.27 -3.04
CA TYR A 54 -11.17 14.80 -4.19
C TYR A 54 -9.66 14.81 -4.03
N CYS A 55 -9.18 15.41 -2.94
CA CYS A 55 -7.75 15.66 -2.76
C CYS A 55 -7.11 14.82 -1.66
N PHE A 56 -7.93 14.06 -0.93
CA PHE A 56 -7.49 13.18 0.16
C PHE A 56 -6.96 13.91 1.40
N THR A 57 -7.17 15.22 1.48
CA THR A 57 -6.80 16.00 2.68
C THR A 57 -7.55 15.45 3.88
N ARG A 58 -6.81 15.19 4.96
CA ARG A 58 -7.37 14.73 6.21
C ARG A 58 -7.61 15.92 7.11
N LYS A 59 -8.87 16.23 7.38
CA LYS A 59 -9.22 17.37 8.23
C LYS A 59 -10.62 17.21 8.80
N GLU A 60 -10.90 17.94 9.88
CA GLU A 60 -12.23 17.98 10.45
C GLU A 60 -13.07 19.01 9.69
N GLY A 61 -14.39 18.92 9.85
CA GLY A 61 -15.32 19.90 9.27
C GLY A 61 -15.44 19.83 7.76
N LEU A 62 -15.38 18.63 7.21
CA LEU A 62 -15.60 18.42 5.79
C LEU A 62 -17.07 18.62 5.44
N SER A 63 -17.32 19.13 4.23
CA SER A 63 -18.67 19.30 3.71
C SER A 63 -19.17 17.98 3.12
N LYS A 64 -20.46 17.71 3.30
CA LYS A 64 -21.07 16.46 2.89
C LYS A 64 -21.90 16.66 1.61
N CYS A 65 -21.79 15.73 0.65
CA CYS A 65 -22.68 15.74 -0.53
C CYS A 65 -24.13 15.69 -0.08
N GLY A 66 -24.90 16.70 -0.48
CA GLY A 66 -26.31 16.80 -0.09
C GLY A 66 -27.23 15.77 -0.73
N ARG A 67 -26.79 15.18 -1.84
CA ARG A 67 -27.62 14.22 -2.57
C ARG A 67 -27.57 12.84 -1.91
N CYS A 68 -26.36 12.35 -1.64
CA CYS A 68 -26.18 10.98 -1.13
C CYS A 68 -25.76 10.92 0.33
N LYS A 69 -25.23 12.02 0.86
CA LYS A 69 -24.74 12.11 2.24
C LYS A 69 -23.61 11.11 2.56
N GLN A 70 -22.94 10.63 1.51
CA GLN A 70 -21.90 9.61 1.64
C GLN A 70 -20.61 9.94 0.89
N ALA A 71 -20.41 11.23 0.63
CA ALA A 71 -19.13 11.74 0.14
C ALA A 71 -18.85 13.06 0.83
N PHE A 72 -17.58 13.28 1.19
CA PHE A 72 -17.17 14.47 1.94
C PHE A 72 -16.02 15.20 1.26
N TYR A 73 -16.00 16.53 1.42
CA TYR A 73 -15.10 17.41 0.69
C TYR A 73 -14.60 18.59 1.52
N CYS A 74 -13.42 19.09 1.17
CA CYS A 74 -12.87 20.29 1.83
C CYS A 74 -13.81 21.48 1.69
N ASN A 75 -14.41 21.60 0.51
CA ASN A 75 -15.16 22.79 0.13
C ASN A 75 -15.91 22.52 -1.16
N VAL A 76 -16.69 23.50 -1.62
CA VAL A 76 -17.48 23.37 -2.84
C VAL A 76 -16.64 23.13 -4.11
N GLU A 77 -15.37 23.55 -4.09
CA GLU A 77 -14.50 23.39 -5.25
C GLU A 77 -14.01 21.96 -5.38
N CYS A 78 -13.52 21.38 -4.28
CA CYS A 78 -13.19 19.95 -4.24
C CYS A 78 -14.41 19.11 -4.65
N GLN A 79 -15.57 19.46 -4.12
CA GLN A 79 -16.82 18.78 -4.48
C GLN A 79 -17.10 18.82 -5.98
N LYS A 80 -17.01 20.03 -6.55
CA LYS A 80 -17.23 20.23 -7.98
C LYS A 80 -16.24 19.41 -8.80
N GLU A 81 -14.96 19.46 -8.42
CA GLU A 81 -13.92 18.80 -9.20
C GLU A 81 -14.04 17.28 -9.16
N ASP A 82 -14.60 16.76 -8.07
CA ASP A 82 -14.81 15.31 -7.90
C ASP A 82 -16.07 14.78 -8.60
N TRP A 83 -17.00 15.68 -8.92
CA TRP A 83 -18.29 15.27 -9.48
C TRP A 83 -18.24 14.32 -10.70
N PRO A 84 -17.34 14.56 -11.68
CA PRO A 84 -17.26 13.64 -12.82
C PRO A 84 -17.05 12.17 -12.42
N MET A 85 -16.40 11.96 -11.27
CA MET A 85 -16.18 10.62 -10.74
C MET A 85 -17.24 10.23 -9.70
N HIS A 86 -17.55 11.14 -8.79
CA HIS A 86 -18.53 10.84 -7.73
C HIS A 86 -19.91 10.51 -8.31
N LYS A 87 -20.27 11.12 -9.45
CA LYS A 87 -21.58 10.88 -10.05
C LYS A 87 -21.79 9.41 -10.45
N LEU A 88 -20.69 8.66 -10.61
CA LEU A 88 -20.77 7.23 -10.85
C LEU A 88 -21.42 6.46 -9.69
N GLU A 89 -21.40 7.05 -8.49
CA GLU A 89 -21.85 6.35 -7.28
C GLU A 89 -22.93 7.10 -6.50
N CYS A 90 -23.05 8.40 -6.71
CA CYS A 90 -23.97 9.23 -5.93
C CYS A 90 -25.41 8.68 -5.92
N SER A 91 -26.04 8.64 -7.09
N SER A 91 -26.04 8.63 -7.10
CA SER A 91 -27.40 8.13 -7.20
CA SER A 91 -27.41 8.13 -7.22
C SER A 91 -27.50 6.63 -6.87
C SER A 91 -27.53 6.63 -6.92
N PRO A 92 -26.57 5.79 -7.40
CA PRO A 92 -26.63 4.38 -7.02
C PRO A 92 -26.59 4.12 -5.51
N MET A 93 -25.80 4.90 -4.76
CA MET A 93 -25.80 4.75 -3.30
C MET A 93 -27.16 5.04 -2.68
N VAL A 94 -27.86 6.05 -3.20
CA VAL A 94 -29.20 6.40 -2.75
C VAL A 94 -30.22 5.31 -3.13
N VAL A 95 -30.15 4.87 -4.39
CA VAL A 95 -31.08 3.87 -4.93
C VAL A 95 -30.91 2.52 -4.23
N PHE A 96 -29.66 2.07 -4.10
CA PHE A 96 -29.39 0.74 -3.57
C PHE A 96 -29.25 0.66 -2.05
N GLY A 97 -28.87 1.76 -1.41
CA GLY A 97 -28.71 1.80 0.05
C GLY A 97 -27.75 0.74 0.57
N GLU A 98 -28.22 -0.09 1.50
CA GLU A 98 -27.38 -1.14 2.09
C GLU A 98 -27.13 -2.30 1.11
N ASN A 99 -27.73 -2.22 -0.07
CA ASN A 99 -27.49 -3.21 -1.12
C ASN A 99 -26.51 -2.72 -2.18
N TRP A 100 -25.76 -1.67 -1.83
CA TRP A 100 -24.67 -1.17 -2.67
C TRP A 100 -23.38 -1.74 -2.11
N ASN A 101 -22.73 -2.64 -2.86
CA ASN A 101 -21.51 -3.27 -2.35
C ASN A 101 -20.42 -3.58 -3.39
N PRO A 102 -20.20 -2.69 -4.38
CA PRO A 102 -19.12 -3.03 -5.32
C PRO A 102 -17.76 -3.06 -4.61
N SER A 103 -16.92 -4.03 -4.97
CA SER A 103 -15.59 -4.13 -4.37
C SER A 103 -14.80 -2.89 -4.72
N GLU A 104 -13.78 -2.58 -3.94
CA GLU A 104 -12.95 -1.42 -4.22
C GLU A 104 -12.30 -1.48 -5.61
N THR A 105 -11.97 -2.69 -6.05
CA THR A 105 -11.45 -2.90 -7.40
C THR A 105 -12.46 -2.48 -8.48
N VAL A 106 -13.73 -2.86 -8.29
CA VAL A 106 -14.80 -2.43 -9.17
C VAL A 106 -14.96 -0.91 -9.16
N ARG A 107 -14.94 -0.32 -7.96
CA ARG A 107 -15.04 1.14 -7.82
C ARG A 107 -13.95 1.87 -8.60
N LEU A 108 -12.72 1.38 -8.48
CA LEU A 108 -11.59 1.97 -9.19
C LEU A 108 -11.70 1.79 -10.71
N THR A 109 -12.11 0.59 -11.13
CA THR A 109 -12.19 0.27 -12.55
C THR A 109 -13.27 1.12 -13.24
N ALA A 110 -14.37 1.38 -12.53
CA ALA A 110 -15.40 2.27 -13.03
C ALA A 110 -14.84 3.65 -13.32
N ARG A 111 -13.96 4.13 -12.43
CA ARG A 111 -13.35 5.45 -12.59
C ARG A 111 -12.35 5.51 -13.75
N ILE A 112 -11.65 4.40 -13.99
CA ILE A 112 -10.78 4.28 -15.17
C ILE A 112 -11.62 4.42 -16.43
N LEU A 113 -12.74 3.70 -16.50
CA LEU A 113 -13.62 3.74 -17.65
C LEU A 113 -14.20 5.13 -17.90
N ALA A 114 -14.60 5.80 -16.81
CA ALA A 114 -15.09 7.17 -16.87
C ALA A 114 -14.01 8.12 -17.41
N LYS A 115 -12.78 7.97 -16.91
CA LYS A 115 -11.66 8.80 -17.33
C LYS A 115 -11.35 8.61 -18.82
N GLN A 116 -11.42 7.36 -19.27
CA GLN A 116 -11.18 7.01 -20.68
C GLN A 116 -12.19 7.70 -21.60
N LYS A 117 -13.43 7.79 -21.12
CA LYS A 117 -14.51 8.44 -21.86
C LYS A 117 -14.29 9.95 -22.00
N ILE A 118 -13.93 10.60 -20.89
CA ILE A 118 -13.80 12.06 -20.88
C ILE A 118 -12.41 12.57 -21.29
N HIS A 119 -11.40 11.71 -21.19
CA HIS A 119 -10.03 12.10 -21.51
C HIS A 119 -9.30 10.96 -22.23
N PRO A 120 -9.69 10.66 -23.49
CA PRO A 120 -9.07 9.55 -24.22
C PRO A 120 -7.57 9.73 -24.52
N GLU A 121 -7.13 10.98 -24.65
CA GLU A 121 -5.71 11.29 -24.92
C GLU A 121 -4.83 10.99 -23.70
N ARG A 122 -3.54 10.82 -23.94
CA ARG A 122 -2.58 10.60 -22.84
C ARG A 122 -2.65 11.71 -21.80
N THR A 123 -2.65 11.32 -20.53
CA THR A 123 -2.75 12.23 -19.41
C THR A 123 -1.35 12.55 -18.87
N PRO A 124 -1.22 13.57 -18.00
CA PRO A 124 0.03 13.82 -17.29
C PRO A 124 0.48 12.64 -16.39
N SER A 125 -0.42 11.68 -16.17
CA SER A 125 -0.13 10.48 -15.37
C SER A 125 0.59 9.39 -16.19
N GLU A 126 0.65 9.60 -17.51
CA GLU A 126 1.11 8.58 -18.47
C GLU A 126 2.25 9.09 -19.37
N LYS A 127 3.28 9.67 -18.77
CA LYS A 127 4.42 10.21 -19.54
C LYS A 127 5.29 9.12 -20.16
N LEU A 128 5.37 7.96 -19.51
CA LEU A 128 6.21 6.86 -19.99
C LEU A 128 5.44 5.55 -20.19
N LEU A 129 4.34 5.36 -19.45
CA LEU A 129 3.54 4.16 -19.56
C LEU A 129 2.06 4.52 -19.53
N ALA A 130 1.31 4.04 -20.52
CA ALA A 130 -0.12 4.32 -20.61
C ALA A 130 -0.93 3.17 -20.02
N VAL A 131 -2.09 3.51 -19.46
CA VAL A 131 -2.99 2.50 -18.88
C VAL A 131 -3.32 1.37 -19.88
N LYS A 132 -3.60 1.74 -21.13
CA LYS A 132 -3.94 0.75 -22.15
C LYS A 132 -2.78 -0.21 -22.44
N GLU A 133 -1.55 0.22 -22.12
CA GLU A 133 -0.34 -0.59 -22.31
C GLU A 133 -0.03 -1.54 -21.14
N PHE A 134 -0.78 -1.42 -20.05
CA PHE A 134 -0.49 -2.19 -18.83
C PHE A 134 -0.41 -3.69 -19.10
N GLU A 135 0.55 -4.35 -18.43
CA GLU A 135 0.62 -5.81 -18.41
C GLU A 135 -0.64 -6.39 -17.75
N SER A 136 -1.16 -7.48 -18.29
CA SER A 136 -2.36 -8.13 -17.77
C SER A 136 -2.12 -9.56 -17.29
N HIS A 137 -1.07 -10.19 -17.81
CA HIS A 137 -0.78 -11.61 -17.56
C HIS A 137 -1.99 -12.50 -17.85
N LEU A 138 -2.76 -12.11 -18.86
CA LEU A 138 -4.02 -12.78 -19.20
C LEU A 138 -3.87 -14.30 -19.33
N ASP A 139 -2.80 -14.74 -20.01
CA ASP A 139 -2.58 -16.16 -20.25
C ASP A 139 -2.16 -16.96 -19.01
N LYS A 140 -1.89 -16.27 -17.91
CA LYS A 140 -1.47 -16.92 -16.67
C LYS A 140 -2.58 -17.07 -15.63
N LEU A 141 -3.75 -16.50 -15.90
CA LEU A 141 -4.85 -16.49 -14.93
C LEU A 141 -5.45 -17.88 -14.78
N ASP A 142 -5.54 -18.35 -13.54
CA ASP A 142 -6.19 -19.63 -13.26
C ASP A 142 -7.69 -19.41 -13.12
N ASN A 143 -8.43 -20.50 -12.88
CA ASN A 143 -9.89 -20.44 -12.75
C ASN A 143 -10.36 -19.54 -11.62
N GLU A 144 -9.66 -19.56 -10.49
CA GLU A 144 -9.99 -18.71 -9.35
C GLU A 144 -9.97 -17.21 -9.73
N LYS A 145 -8.89 -16.79 -10.37
CA LYS A 145 -8.75 -15.39 -10.80
C LYS A 145 -9.77 -15.01 -11.87
N LYS A 146 -10.02 -15.91 -12.82
CA LYS A 146 -11.01 -15.66 -13.88
C LYS A 146 -12.43 -15.55 -13.32
N ASP A 147 -12.79 -16.41 -12.36
CA ASP A 147 -14.08 -16.33 -11.68
C ASP A 147 -14.25 -15.01 -10.92
N LEU A 148 -13.21 -14.58 -10.22
CA LEU A 148 -13.23 -13.30 -9.49
C LEU A 148 -13.44 -12.13 -10.44
N ILE A 149 -12.77 -12.17 -11.60
CA ILE A 149 -12.96 -11.14 -12.61
C ILE A 149 -14.41 -11.13 -13.14
N GLN A 150 -14.99 -12.31 -13.36
CA GLN A 150 -16.37 -12.37 -13.83
C GLN A 150 -17.36 -11.80 -12.80
N SER A 151 -17.08 -12.02 -11.52
CA SER A 151 -17.86 -11.43 -10.44
C SER A 151 -17.75 -9.90 -10.48
N ASP A 152 -16.52 -9.41 -10.62
CA ASP A 152 -16.28 -7.97 -10.72
C ASP A 152 -17.01 -7.34 -11.92
N ILE A 153 -17.00 -8.04 -13.06
CA ILE A 153 -17.72 -7.57 -14.25
C ILE A 153 -19.23 -7.48 -13.99
N ALA A 154 -19.77 -8.51 -13.36
CA ALA A 154 -21.20 -8.52 -13.00
C ALA A 154 -21.56 -7.35 -12.10
N ALA A 155 -20.68 -7.04 -11.13
CA ALA A 155 -20.91 -5.92 -10.22
C ALA A 155 -20.79 -4.58 -10.94
N LEU A 156 -19.82 -4.48 -11.86
CA LEU A 156 -19.65 -3.25 -12.64
C LEU A 156 -20.90 -2.97 -13.47
N HIS A 157 -21.40 -3.99 -14.15
CA HIS A 157 -22.61 -3.86 -14.94
C HIS A 157 -23.82 -3.48 -14.09
N HIS A 158 -23.97 -4.12 -12.94
CA HIS A 158 -25.12 -3.88 -12.08
C HIS A 158 -25.12 -2.48 -11.44
N PHE A 159 -23.97 -2.03 -10.96
CA PHE A 159 -23.89 -0.81 -10.16
C PHE A 159 -23.53 0.46 -10.94
N TYR A 160 -22.95 0.31 -12.13
CA TYR A 160 -22.38 1.47 -12.84
C TYR A 160 -22.90 1.67 -14.26
N SER A 161 -23.96 0.96 -14.64
CA SER A 161 -24.45 1.05 -16.02
C SER A 161 -25.00 2.42 -16.42
N LYS A 162 -25.48 3.21 -15.45
CA LYS A 162 -26.07 4.53 -15.76
C LYS A 162 -25.12 5.44 -16.55
N HIS A 163 -23.83 5.43 -16.21
CA HIS A 163 -22.87 6.28 -16.92
C HIS A 163 -21.93 5.51 -17.84
N LEU A 164 -21.77 4.21 -17.59
CA LEU A 164 -20.80 3.40 -18.34
C LEU A 164 -21.42 2.41 -19.32
N GLY A 165 -22.74 2.25 -19.27
CA GLY A 165 -23.43 1.23 -20.07
C GLY A 165 -23.00 -0.15 -19.64
N PHE A 166 -22.88 -1.06 -20.60
CA PHE A 166 -22.48 -2.44 -20.31
C PHE A 166 -21.27 -2.83 -21.17
N PRO A 167 -20.06 -2.43 -20.74
CA PRO A 167 -18.87 -2.70 -21.55
C PRO A 167 -18.65 -4.18 -21.87
N ASP A 168 -18.05 -4.42 -23.05
CA ASP A 168 -17.77 -5.76 -23.57
C ASP A 168 -17.01 -6.62 -22.56
N ASN A 169 -17.49 -7.85 -22.33
CA ASN A 169 -16.88 -8.77 -21.35
C ASN A 169 -15.39 -9.02 -21.60
N ASP A 170 -15.03 -9.40 -22.83
CA ASP A 170 -13.63 -9.65 -23.19
C ASP A 170 -12.72 -8.47 -22.83
N SER A 171 -13.15 -7.26 -23.18
N SER A 171 -13.15 -7.26 -23.20
CA SER A 171 -12.38 -6.05 -22.91
CA SER A 171 -12.38 -6.05 -22.91
C SER A 171 -12.26 -5.75 -21.42
C SER A 171 -12.22 -5.85 -21.40
N LEU A 172 -13.30 -6.10 -20.67
CA LEU A 172 -13.28 -5.94 -19.21
C LEU A 172 -12.41 -6.97 -18.51
N VAL A 173 -12.35 -8.19 -19.04
CA VAL A 173 -11.43 -9.20 -18.50
C VAL A 173 -10.00 -8.66 -18.55
N VAL A 174 -9.61 -8.11 -19.70
CA VAL A 174 -8.27 -7.53 -19.86
C VAL A 174 -8.06 -6.40 -18.86
N LEU A 175 -9.01 -5.46 -18.81
CA LEU A 175 -8.88 -4.29 -17.94
C LEU A 175 -8.79 -4.66 -16.46
N PHE A 176 -9.69 -5.53 -15.98
CA PHE A 176 -9.62 -5.99 -14.59
C PHE A 176 -8.29 -6.68 -14.28
N ALA A 177 -7.79 -7.50 -15.21
CA ALA A 177 -6.47 -8.11 -15.06
C ALA A 177 -5.38 -7.05 -14.93
N GLN A 178 -5.44 -6.03 -15.80
CA GLN A 178 -4.50 -4.90 -15.75
C GLN A 178 -4.56 -4.14 -14.42
N VAL A 179 -5.76 -3.89 -13.92
CA VAL A 179 -5.94 -3.19 -12.65
C VAL A 179 -5.34 -3.99 -11.50
N ASN A 180 -5.58 -5.30 -11.48
CA ASN A 180 -5.00 -6.15 -10.46
C ASN A 180 -3.47 -6.17 -10.49
N CYS A 181 -2.90 -6.20 -11.69
N CYS A 181 -2.90 -6.20 -11.68
CA CYS A 181 -1.45 -6.27 -11.86
CA CYS A 181 -1.46 -6.28 -11.85
C CYS A 181 -0.74 -4.94 -11.59
C CYS A 181 -0.75 -4.95 -11.57
N ASN A 182 -1.46 -3.84 -11.78
CA ASN A 182 -0.86 -2.51 -11.74
C ASN A 182 -1.40 -1.53 -10.70
N GLY A 183 -2.50 -1.90 -10.04
CA GLY A 183 -3.13 -1.01 -9.06
C GLY A 183 -2.28 -0.78 -7.82
N PHE A 184 -2.43 0.40 -7.23
CA PHE A 184 -1.78 0.74 -5.98
C PHE A 184 -2.81 0.95 -4.88
N THR A 185 -2.45 0.55 -3.67
CA THR A 185 -3.16 1.06 -2.49
C THR A 185 -2.46 2.32 -2.01
N ILE A 186 -3.26 3.30 -1.59
CA ILE A 186 -2.75 4.50 -0.92
C ILE A 186 -2.93 4.28 0.57
N GLU A 187 -1.83 4.48 1.32
CA GLU A 187 -1.83 4.31 2.77
C GLU A 187 -1.44 5.62 3.43
N ASP A 188 -1.88 5.83 4.66
CA ASP A 188 -1.45 7.01 5.41
C ASP A 188 -0.12 6.78 6.12
N GLU A 189 0.24 7.70 7.01
CA GLU A 189 1.54 7.68 7.68
C GLU A 189 1.73 6.48 8.64
N GLU A 190 0.62 5.88 9.07
CA GLU A 190 0.65 4.66 9.87
C GLU A 190 0.39 3.42 9.02
N LEU A 191 0.45 3.60 7.70
CA LEU A 191 0.15 2.55 6.71
C LEU A 191 -1.28 1.99 6.81
N SER A 192 -2.21 2.80 7.30
N SER A 192 -2.21 2.80 7.32
CA SER A 192 -3.62 2.45 7.33
CA SER A 192 -3.62 2.44 7.31
C SER A 192 -4.21 2.71 5.94
C SER A 192 -4.16 2.67 5.91
N HIS A 193 -5.04 1.77 5.46
CA HIS A 193 -5.58 1.84 4.11
C HIS A 193 -6.47 3.05 3.87
N LEU A 194 -6.13 3.87 2.87
CA LEU A 194 -6.94 5.04 2.52
C LEU A 194 -7.79 4.85 1.27
N GLY A 195 -7.28 4.04 0.33
CA GLY A 195 -7.98 3.86 -0.93
C GLY A 195 -7.09 3.19 -1.96
N SER A 196 -7.56 3.20 -3.21
CA SER A 196 -6.85 2.53 -4.29
C SER A 196 -6.71 3.48 -5.47
N ALA A 197 -5.66 3.30 -6.26
CA ALA A 197 -5.40 4.24 -7.34
C ALA A 197 -4.60 3.63 -8.46
N ILE A 198 -4.62 4.32 -9.59
CA ILE A 198 -3.80 4.01 -10.76
C ILE A 198 -2.75 5.12 -10.94
N PHE A 199 -1.49 4.74 -10.89
CA PHE A 199 -0.36 5.64 -11.13
C PHE A 199 0.47 5.02 -12.25
N PRO A 200 0.15 5.33 -13.51
CA PRO A 200 0.74 4.59 -14.63
C PRO A 200 2.26 4.67 -14.70
N ASP A 201 2.84 5.86 -14.53
CA ASP A 201 4.29 5.97 -14.59
C ASP A 201 5.00 5.27 -13.43
N VAL A 202 4.38 5.26 -12.26
CA VAL A 202 4.93 4.57 -11.09
C VAL A 202 4.88 3.05 -11.30
N ALA A 203 3.86 2.58 -12.01
CA ALA A 203 3.68 1.15 -12.28
C ALA A 203 4.77 0.59 -13.21
N LEU A 204 5.49 1.48 -13.90
CA LEU A 204 6.59 1.03 -14.78
C LEU A 204 7.76 0.39 -14.01
N MET A 205 7.94 0.79 -12.74
CA MET A 205 9.08 0.28 -11.97
C MET A 205 8.94 -1.18 -11.59
N ASN A 206 10.00 -1.93 -11.84
CA ASN A 206 10.05 -3.32 -11.44
C ASN A 206 10.37 -3.46 -9.95
N HIS A 207 10.22 -4.69 -9.46
CA HIS A 207 10.39 -4.99 -8.06
C HIS A 207 11.81 -5.43 -7.71
N SER A 208 12.28 -4.99 -6.55
CA SER A 208 13.42 -5.62 -5.87
C SER A 208 13.15 -5.70 -4.37
N CYS A 209 13.71 -6.71 -3.72
CA CYS A 209 13.69 -6.79 -2.26
C CYS A 209 14.78 -5.91 -1.62
N CYS A 210 15.66 -5.36 -2.46
N CYS A 210 15.68 -5.40 -2.46
CA CYS A 210 16.62 -4.35 -2.04
CA CYS A 210 16.63 -4.33 -2.07
C CYS A 210 16.36 -3.08 -2.85
C CYS A 210 16.32 -3.12 -2.93
N PRO A 211 15.17 -2.47 -2.69
CA PRO A 211 14.75 -1.38 -3.58
C PRO A 211 15.64 -0.15 -3.44
N ASN A 212 15.79 0.61 -4.53
CA ASN A 212 16.50 1.88 -4.45
C ASN A 212 15.59 3.11 -4.35
N VAL A 213 14.28 2.90 -4.43
CA VAL A 213 13.32 3.98 -4.22
C VAL A 213 12.17 3.55 -3.31
N ILE A 214 11.50 4.54 -2.71
CA ILE A 214 10.25 4.34 -1.97
C ILE A 214 9.19 5.26 -2.55
N VAL A 215 7.99 4.71 -2.73
CA VAL A 215 6.82 5.47 -3.16
C VAL A 215 6.04 5.95 -1.93
N THR A 216 5.79 7.26 -1.88
CA THR A 216 4.91 7.82 -0.85
C THR A 216 3.81 8.64 -1.52
N TYR A 217 2.85 9.10 -0.73
CA TYR A 217 1.74 9.85 -1.28
C TYR A 217 1.55 11.19 -0.59
N LYS A 218 1.26 12.21 -1.40
CA LYS A 218 0.96 13.55 -0.92
C LYS A 218 -0.43 13.84 -1.44
N GLY A 219 -1.44 13.53 -0.62
CA GLY A 219 -2.83 13.48 -1.09
C GLY A 219 -2.96 12.37 -2.13
N THR A 220 -3.32 12.75 -3.35
CA THR A 220 -3.48 11.77 -4.44
C THR A 220 -2.26 11.74 -5.38
N LEU A 221 -1.21 12.49 -5.03
CA LEU A 221 0.01 12.53 -5.82
C LEU A 221 1.02 11.51 -5.31
N ALA A 222 1.46 10.60 -6.17
CA ALA A 222 2.54 9.68 -5.80
C ALA A 222 3.89 10.35 -6.00
N GLU A 223 4.78 10.16 -5.03
CA GLU A 223 6.13 10.69 -5.11
C GLU A 223 7.13 9.54 -4.97
N VAL A 224 8.21 9.60 -5.76
CA VAL A 224 9.21 8.53 -5.79
C VAL A 224 10.58 9.10 -5.42
N ARG A 225 11.11 8.65 -4.29
CA ARG A 225 12.38 9.16 -3.77
C ARG A 225 13.43 8.07 -3.59
N ALA A 226 14.68 8.41 -3.86
CA ALA A 226 15.79 7.48 -3.72
C ALA A 226 16.08 7.16 -2.25
N VAL A 227 16.29 5.87 -1.97
CA VAL A 227 16.69 5.43 -0.63
C VAL A 227 18.07 4.77 -0.66
N GLN A 228 18.63 4.66 -1.86
CA GLN A 228 20.02 4.30 -2.10
C GLN A 228 20.55 5.20 -3.20
N GLU A 229 21.87 5.36 -3.30
CA GLU A 229 22.45 6.04 -4.46
C GLU A 229 22.06 5.28 -5.72
N ILE A 230 21.66 6.03 -6.75
CA ILE A 230 21.35 5.46 -8.06
C ILE A 230 22.34 6.05 -9.06
N LYS A 231 23.03 5.18 -9.79
CA LYS A 231 24.02 5.62 -10.77
C LYS A 231 23.41 5.66 -12.17
N PRO A 232 24.00 6.44 -13.09
CA PRO A 232 23.52 6.45 -14.47
C PRO A 232 23.40 5.02 -15.02
N GLY A 233 22.27 4.74 -15.67
CA GLY A 233 22.04 3.43 -16.27
C GLY A 233 21.44 2.38 -15.36
N GLU A 234 21.45 2.62 -14.05
CA GLU A 234 20.90 1.64 -13.11
C GLU A 234 19.39 1.60 -13.20
N GLU A 235 18.83 0.40 -13.06
CA GLU A 235 17.39 0.25 -13.03
C GLU A 235 16.84 0.77 -11.71
N VAL A 236 15.68 1.41 -11.79
CA VAL A 236 14.99 1.92 -10.62
C VAL A 236 14.01 0.85 -10.13
N PHE A 237 14.21 0.39 -8.89
CA PHE A 237 13.39 -0.67 -8.32
C PHE A 237 12.67 -0.21 -7.06
N THR A 238 11.39 -0.54 -6.98
CA THR A 238 10.60 -0.35 -5.77
C THR A 238 10.25 -1.73 -5.19
N SER A 239 9.84 -1.81 -3.92
CA SER A 239 9.36 -3.09 -3.37
C SER A 239 7.85 -3.20 -3.47
N TYR A 240 7.38 -4.32 -4.02
CA TYR A 240 5.94 -4.57 -4.17
C TYR A 240 5.33 -5.15 -2.90
N ILE A 241 6.16 -5.55 -1.95
CA ILE A 241 5.71 -6.38 -0.84
C ILE A 241 6.35 -6.00 0.49
N ASP A 242 5.80 -6.54 1.58
CA ASP A 242 6.37 -6.38 2.92
C ASP A 242 7.68 -7.15 3.02
N LEU A 243 8.76 -6.42 3.27
CA LEU A 243 10.11 -7.01 3.26
C LEU A 243 10.51 -7.74 4.56
N LEU A 244 9.61 -7.77 5.54
CA LEU A 244 9.86 -8.44 6.82
C LEU A 244 10.13 -9.94 6.68
N TYR A 245 9.46 -10.58 5.71
CA TYR A 245 9.39 -12.03 5.67
C TYR A 245 10.54 -12.71 4.93
N PRO A 246 10.78 -14.01 5.22
CA PRO A 246 11.84 -14.75 4.53
C PRO A 246 11.60 -14.89 3.03
N THR A 247 12.66 -15.28 2.32
CA THR A 247 12.68 -15.34 0.85
C THR A 247 11.55 -16.16 0.23
N GLU A 248 11.28 -17.35 0.77
CA GLU A 248 10.21 -18.19 0.23
C GLU A 248 8.84 -17.51 0.35
N ASP A 249 8.60 -16.89 1.51
CA ASP A 249 7.32 -16.20 1.76
C ASP A 249 7.16 -15.01 0.81
N ARG A 250 8.23 -14.24 0.62
CA ARG A 250 8.20 -13.10 -0.28
C ARG A 250 7.86 -13.55 -1.69
N ASN A 251 8.52 -14.59 -2.15
CA ASN A 251 8.34 -15.05 -3.52
C ASN A 251 7.02 -15.78 -3.77
N ASP A 252 6.47 -16.42 -2.74
CA ASP A 252 5.13 -17.00 -2.85
C ASP A 252 4.11 -15.92 -3.15
N ARG A 253 4.24 -14.77 -2.49
CA ARG A 253 3.35 -13.64 -2.75
C ARG A 253 3.57 -13.02 -4.12
N LEU A 254 4.84 -12.82 -4.50
CA LEU A 254 5.15 -12.28 -5.82
C LEU A 254 4.67 -13.19 -6.96
N ARG A 255 4.78 -14.50 -6.77
CA ARG A 255 4.30 -15.44 -7.77
C ARG A 255 2.78 -15.39 -7.90
N ASP A 256 2.09 -15.39 -6.77
CA ASP A 256 0.63 -15.46 -6.75
C ASP A 256 -0.02 -14.16 -7.22
N SER A 257 0.58 -13.03 -6.87
CA SER A 257 0.01 -11.72 -7.16
C SER A 257 0.52 -11.09 -8.46
N TYR A 258 1.79 -11.36 -8.78
CA TYR A 258 2.47 -10.66 -9.89
C TYR A 258 3.13 -11.57 -10.94
N PHE A 259 2.97 -12.88 -10.78
CA PHE A 259 3.43 -13.84 -11.79
C PHE A 259 4.91 -13.76 -12.10
N PHE A 260 5.72 -13.50 -11.09
CA PHE A 260 7.18 -13.60 -11.23
C PHE A 260 7.84 -14.06 -9.93
N THR A 261 9.06 -14.57 -10.07
CA THR A 261 9.93 -14.86 -8.93
C THR A 261 11.11 -13.90 -8.97
N CYS A 262 11.37 -13.26 -7.83
CA CYS A 262 12.44 -12.27 -7.71
C CYS A 262 13.82 -12.93 -7.63
N GLU A 263 14.78 -12.33 -8.32
CA GLU A 263 16.17 -12.80 -8.34
C GLU A 263 17.14 -11.70 -7.87
N CYS A 264 16.65 -10.83 -7.00
CA CYS A 264 17.50 -9.80 -6.38
C CYS A 264 18.54 -10.44 -5.44
N GLN A 265 19.46 -9.61 -4.94
CA GLN A 265 20.52 -10.07 -4.06
C GLN A 265 19.99 -10.76 -2.80
N GLU A 266 18.97 -10.19 -2.19
CA GLU A 266 18.36 -10.76 -0.98
C GLU A 266 17.77 -12.14 -1.27
N CYS A 267 17.17 -12.29 -2.45
CA CYS A 267 16.57 -13.57 -2.84
C CYS A 267 17.58 -14.61 -3.29
N THR A 268 18.66 -14.15 -3.93
CA THR A 268 19.72 -15.04 -4.42
C THR A 268 20.53 -15.63 -3.27
N THR A 269 20.93 -14.78 -2.34
CA THR A 269 21.80 -15.17 -1.22
C THR A 269 21.02 -15.70 -0.03
N LYS A 270 19.78 -15.22 0.13
CA LYS A 270 18.94 -15.53 1.29
C LYS A 270 19.60 -15.15 2.61
N ASP A 271 20.37 -14.05 2.59
CA ASP A 271 21.20 -13.61 3.72
C ASP A 271 20.48 -13.42 5.04
N LYS A 272 19.31 -12.79 4.99
CA LYS A 272 18.58 -12.40 6.19
C LYS A 272 17.58 -13.47 6.66
N ASP A 273 17.50 -14.59 5.94
CA ASP A 273 16.56 -15.66 6.26
C ASP A 273 16.77 -16.27 7.65
N LYS A 274 18.04 -16.49 8.01
CA LYS A 274 18.40 -17.08 9.30
C LYS A 274 17.99 -16.20 10.49
N ALA A 275 18.30 -14.92 10.41
CA ALA A 275 17.94 -13.97 11.46
C ALA A 275 16.43 -13.77 11.58
N LYS A 276 15.73 -13.85 10.46
CA LYS A 276 14.28 -13.72 10.42
C LYS A 276 13.57 -14.91 11.07
N VAL A 277 14.07 -16.11 10.80
CA VAL A 277 13.56 -17.33 11.43
C VAL A 277 14.54 -17.78 12.52
N GLU A 278 14.84 -16.87 13.44
CA GLU A 278 15.80 -17.13 14.51
C GLU A 278 15.26 -18.18 15.49
N ILE A 279 16.13 -19.14 15.83
CA ILE A 279 15.79 -20.25 16.71
C ILE A 279 16.47 -20.06 18.07
N ARG A 280 15.71 -20.28 19.15
CA ARG A 280 16.24 -20.14 20.51
C ARG A 280 16.77 -21.47 21.06
N LYS A 287 16.44 -29.59 16.17
CA LYS A 287 16.17 -30.54 15.09
C LYS A 287 15.61 -29.82 13.85
N ALA A 288 16.12 -30.21 12.69
CA ALA A 288 15.74 -29.59 11.41
C ALA A 288 14.27 -29.83 11.04
N GLU A 289 13.76 -31.02 11.37
CA GLU A 289 12.37 -31.38 11.08
C GLU A 289 11.38 -30.61 11.95
N ALA A 290 11.78 -30.34 13.20
CA ALA A 290 10.97 -29.56 14.13
C ALA A 290 10.86 -28.10 13.69
N ILE A 291 11.97 -27.55 13.18
CA ILE A 291 12.01 -26.17 12.67
C ILE A 291 11.11 -26.01 11.43
N ARG A 292 11.24 -26.94 10.49
CA ARG A 292 10.44 -26.92 9.25
C ARG A 292 8.94 -27.07 9.51
N ASP A 293 8.59 -27.90 10.49
CA ASP A 293 7.19 -28.08 10.89
C ASP A 293 6.63 -26.84 11.60
N MET A 294 7.50 -26.13 12.30
CA MET A 294 7.08 -24.90 12.99
C MET A 294 6.94 -23.74 12.02
N VAL A 295 7.84 -23.66 11.03
CA VAL A 295 7.74 -22.67 9.96
C VAL A 295 6.44 -22.89 9.16
N ARG A 296 6.18 -24.14 8.81
CA ARG A 296 4.96 -24.52 8.09
C ARG A 296 3.71 -24.13 8.89
N TYR A 297 3.74 -24.34 10.20
CA TYR A 297 2.64 -23.98 11.09
C TYR A 297 2.45 -22.45 11.15
N ALA A 298 3.54 -21.74 11.36
CA ALA A 298 3.52 -20.28 11.45
C ALA A 298 2.93 -19.66 10.17
N ARG A 299 3.40 -20.12 9.02
CA ARG A 299 2.94 -19.63 7.72
C ARG A 299 1.46 -19.91 7.50
N ASN A 300 1.01 -21.09 7.93
CA ASN A 300 -0.40 -21.46 7.86
C ASN A 300 -1.28 -20.60 8.77
N VAL A 301 -0.78 -20.34 9.98
CA VAL A 301 -1.51 -19.55 10.99
C VAL A 301 -1.65 -18.07 10.60
N ILE A 302 -0.67 -17.56 9.87
CA ILE A 302 -0.69 -16.18 9.37
C ILE A 302 -1.80 -15.99 8.34
N GLU A 303 -1.91 -16.95 7.42
CA GLU A 303 -2.94 -16.93 6.39
C GLU A 303 -4.36 -17.06 6.96
N GLU A 304 -4.46 -17.76 8.09
CA GLU A 304 -5.74 -17.94 8.80
C GLU A 304 -6.32 -16.61 9.28
N PHE A 305 -5.44 -15.74 9.80
CA PHE A 305 -5.84 -14.39 10.20
C PHE A 305 -6.01 -13.49 8.98
N ARG A 306 -5.24 -13.78 7.92
CA ARG A 306 -5.30 -13.03 6.67
C ARG A 306 -6.53 -13.44 5.86
N GLU A 316 -12.79 -10.72 19.53
CA GLU A 316 -11.64 -11.19 20.27
C GLU A 316 -10.80 -12.16 19.44
N LEU A 317 -9.86 -11.60 18.68
CA LEU A 317 -8.94 -12.39 17.85
C LEU A 317 -7.57 -12.54 18.54
N LEU A 318 -7.49 -12.06 19.77
CA LEU A 318 -6.26 -12.12 20.57
C LEU A 318 -5.83 -13.55 20.88
N GLU A 319 -6.82 -14.43 21.06
CA GLU A 319 -6.60 -15.84 21.36
C GLU A 319 -5.72 -16.54 20.32
N ILE A 320 -6.05 -16.32 19.05
CA ILE A 320 -5.29 -16.90 17.94
C ILE A 320 -3.83 -16.46 17.95
N CYS A 321 -3.60 -15.21 18.34
CA CYS A 321 -2.25 -14.66 18.46
C CYS A 321 -1.52 -15.21 19.67
N GLU A 322 -2.17 -15.15 20.82
CA GLU A 322 -1.60 -15.61 22.10
C GLU A 322 -1.20 -17.08 22.08
N LEU A 323 -2.11 -17.93 21.60
CA LEU A 323 -1.86 -19.36 21.49
C LEU A 323 -0.72 -19.68 20.52
N SER A 324 -0.70 -18.97 19.39
CA SER A 324 0.35 -19.12 18.39
C SER A 324 1.72 -18.74 18.94
N GLN A 325 1.78 -17.62 19.66
CA GLN A 325 3.03 -17.14 20.27
C GLN A 325 3.61 -18.15 21.26
N GLU A 326 2.74 -18.70 22.11
CA GLU A 326 3.13 -19.72 23.07
C GLU A 326 3.66 -20.98 22.37
N LYS A 327 2.94 -21.40 21.33
CA LYS A 327 3.32 -22.58 20.54
C LYS A 327 4.64 -22.37 19.80
N MET A 328 4.84 -21.17 19.26
CA MET A 328 6.08 -20.84 18.55
C MET A 328 7.24 -20.60 19.51
N SER A 329 6.93 -20.14 20.73
CA SER A 329 7.94 -19.84 21.75
C SER A 329 8.84 -21.03 22.09
N SER A 330 8.32 -22.24 21.86
CA SER A 330 9.07 -23.48 22.09
C SER A 330 10.31 -23.59 21.21
N VAL A 331 10.21 -23.06 19.98
CA VAL A 331 11.30 -23.14 19.02
C VAL A 331 11.84 -21.76 18.61
N PHE A 332 10.93 -20.80 18.45
CA PHE A 332 11.27 -19.47 17.95
C PHE A 332 11.61 -18.47 19.03
N GLU A 333 12.67 -17.69 18.80
CA GLU A 333 13.01 -16.56 19.66
C GLU A 333 12.02 -15.40 19.42
N ASP A 334 12.06 -14.40 20.28
CA ASP A 334 11.12 -13.27 20.21
C ASP A 334 11.33 -12.38 18.98
N SER A 335 12.57 -12.34 18.48
CA SER A 335 12.92 -11.56 17.29
C SER A 335 12.53 -12.25 15.98
N ASN A 336 12.01 -13.47 16.09
CA ASN A 336 11.54 -14.24 14.93
C ASN A 336 10.38 -13.51 14.24
N VAL A 337 10.45 -13.38 12.92
CA VAL A 337 9.46 -12.60 12.17
C VAL A 337 8.03 -13.13 12.30
N TYR A 338 7.89 -14.44 12.45
CA TYR A 338 6.58 -15.06 12.66
C TYR A 338 6.04 -14.72 14.05
N MET A 339 6.93 -14.64 15.03
CA MET A 339 6.56 -14.14 16.36
C MET A 339 6.17 -12.67 16.29
N LEU A 340 6.99 -11.88 15.59
CA LEU A 340 6.74 -10.45 15.44
C LEU A 340 5.40 -10.17 14.75
N HIS A 341 5.10 -10.94 13.70
CA HIS A 341 3.84 -10.80 12.97
C HIS A 341 2.64 -10.90 13.91
N MET A 342 2.63 -11.93 14.74
CA MET A 342 1.53 -12.17 15.69
C MET A 342 1.44 -11.06 16.74
N MET A 343 2.59 -10.61 17.23
CA MET A 343 2.65 -9.48 18.17
C MET A 343 2.03 -8.22 17.55
N TYR A 344 2.36 -7.97 16.29
CA TYR A 344 1.83 -6.83 15.54
C TYR A 344 0.30 -6.92 15.37
N GLN A 345 -0.19 -8.12 15.04
CA GLN A 345 -1.62 -8.34 14.90
C GLN A 345 -2.33 -8.15 16.24
N ALA A 346 -1.73 -8.68 17.29
CA ALA A 346 -2.25 -8.52 18.66
C ALA A 346 -2.33 -7.05 19.04
N MET A 347 -1.29 -6.29 18.68
CA MET A 347 -1.24 -4.84 18.92
C MET A 347 -2.42 -4.15 18.23
N GLY A 348 -2.69 -4.51 16.99
CA GLY A 348 -3.80 -3.96 16.21
C GLY A 348 -5.15 -4.22 16.85
N VAL A 349 -5.33 -5.44 17.36
CA VAL A 349 -6.55 -5.82 18.06
C VAL A 349 -6.72 -5.00 19.35
N CYS A 350 -5.64 -4.87 20.12
CA CYS A 350 -5.63 -4.05 21.34
C CYS A 350 -5.96 -2.59 21.04
N LEU A 351 -5.48 -2.10 19.89
CA LEU A 351 -5.78 -0.74 19.43
C LEU A 351 -7.26 -0.55 19.09
N TYR A 352 -7.89 -1.61 18.57
CA TYR A 352 -9.32 -1.58 18.26
C TYR A 352 -10.17 -1.62 19.53
N MET A 353 -9.76 -2.47 20.48
CA MET A 353 -10.44 -2.58 21.78
C MET A 353 -10.16 -1.38 22.67
N GLN A 354 -9.19 -0.56 22.25
CA GLN A 354 -8.75 0.62 23.00
C GLN A 354 -8.01 0.26 24.28
N ASP A 355 -7.39 -0.92 24.28
CA ASP A 355 -6.50 -1.34 25.34
C ASP A 355 -5.13 -0.75 25.02
N TRP A 356 -4.98 0.54 25.33
CA TRP A 356 -3.79 1.30 24.96
C TRP A 356 -2.52 0.76 25.64
N GLU A 357 -2.64 0.36 26.90
CA GLU A 357 -1.54 -0.25 27.64
C GLU A 357 -1.13 -1.58 27.02
N GLY A 358 -2.11 -2.37 26.61
CA GLY A 358 -1.88 -3.64 25.93
C GLY A 358 -1.13 -3.47 24.62
N ALA A 359 -1.60 -2.53 23.79
CA ALA A 359 -0.97 -2.23 22.51
C ALA A 359 0.45 -1.68 22.67
N LEU A 360 0.66 -0.86 23.71
CA LEU A 360 1.99 -0.32 23.99
C LEU A 360 2.99 -1.41 24.35
N GLN A 361 2.57 -2.37 25.17
CA GLN A 361 3.42 -3.50 25.56
C GLN A 361 3.88 -4.30 24.35
N TYR A 362 2.97 -4.56 23.42
CA TYR A 362 3.31 -5.24 22.18
C TYR A 362 4.25 -4.41 21.30
N GLY A 363 3.92 -3.13 21.13
CA GLY A 363 4.75 -2.20 20.34
C GLY A 363 6.17 -2.10 20.84
N GLN A 364 6.35 -2.06 22.16
CA GLN A 364 7.67 -1.97 22.77
C GLN A 364 8.51 -3.21 22.49
N LYS A 365 7.84 -4.36 22.37
CA LYS A 365 8.49 -5.63 22.10
C LYS A 365 8.81 -5.81 20.62
N ILE A 366 8.01 -5.18 19.77
CA ILE A 366 8.16 -5.27 18.31
C ILE A 366 9.33 -4.44 17.78
N ILE A 367 9.42 -3.19 18.22
CA ILE A 367 10.20 -2.16 17.49
C ILE A 367 11.68 -2.47 17.19
N LYS A 368 12.46 -2.92 18.18
CA LYS A 368 13.88 -3.14 17.95
C LYS A 368 14.18 -4.27 16.95
N PRO A 369 13.69 -5.51 17.22
CA PRO A 369 13.94 -6.58 16.24
C PRO A 369 13.33 -6.27 14.88
N TYR A 370 12.15 -5.64 14.89
CA TYR A 370 11.46 -5.20 13.70
C TYR A 370 12.34 -4.29 12.85
N SER A 371 12.99 -3.30 13.48
CA SER A 371 13.86 -2.36 12.79
C SER A 371 15.11 -3.01 12.16
N LYS A 372 15.56 -4.12 12.73
CA LYS A 372 16.73 -4.82 12.22
C LYS A 372 16.45 -5.64 10.96
N HIS A 373 15.20 -6.08 10.80
CA HIS A 373 14.81 -6.93 9.66
C HIS A 373 14.53 -6.13 8.39
N TYR A 374 14.20 -4.85 8.53
CA TYR A 374 13.88 -3.99 7.39
C TYR A 374 15.10 -3.21 6.92
N PRO A 375 15.04 -2.68 5.67
CA PRO A 375 16.12 -1.81 5.18
C PRO A 375 16.22 -0.52 5.98
N LEU A 376 17.30 0.22 5.77
CA LEU A 376 17.62 1.46 6.48
C LEU A 376 16.46 2.45 6.50
N TYR A 377 15.85 2.66 5.33
CA TYR A 377 14.69 3.51 5.20
C TYR A 377 13.53 2.60 4.85
N SER A 378 12.61 2.47 5.81
CA SER A 378 11.45 1.61 5.66
C SER A 378 10.22 2.33 6.17
N LEU A 379 9.17 2.35 5.36
CA LEU A 379 7.88 2.88 5.78
C LEU A 379 7.27 2.08 6.92
N ASN A 380 7.55 0.77 6.95
CA ASN A 380 7.04 -0.10 8.01
C ASN A 380 7.63 0.27 9.36
N VAL A 381 8.93 0.60 9.36
CA VAL A 381 9.62 0.98 10.58
C VAL A 381 9.17 2.36 11.02
N ALA A 382 9.12 3.31 10.09
CA ALA A 382 8.61 4.65 10.40
C ALA A 382 7.19 4.59 11.01
N SER A 383 6.31 3.79 10.42
N SER A 383 6.32 3.80 10.40
CA SER A 383 4.93 3.67 10.90
CA SER A 383 4.94 3.62 10.87
C SER A 383 4.82 3.03 12.29
C SER A 383 4.87 3.08 12.30
N MET A 384 5.68 2.06 12.59
CA MET A 384 5.74 1.47 13.93
C MET A 384 6.21 2.48 14.97
N TRP A 385 7.23 3.28 14.64
CA TRP A 385 7.69 4.34 15.52
C TRP A 385 6.57 5.34 15.81
N LEU A 386 5.80 5.69 14.77
CA LEU A 386 4.66 6.60 14.94
C LEU A 386 3.58 6.03 15.85
N LYS A 387 3.23 4.76 15.64
CA LYS A 387 2.22 4.08 16.47
C LYS A 387 2.65 4.06 17.92
N LEU A 388 3.92 3.70 18.14
CA LEU A 388 4.51 3.67 19.48
C LEU A 388 4.51 5.07 20.10
N GLY A 389 4.95 6.07 19.32
CA GLY A 389 5.00 7.45 19.76
C GLY A 389 3.64 7.98 20.19
N ARG A 390 2.62 7.68 19.40
CA ARG A 390 1.27 8.14 19.70
C ARG A 390 0.63 7.40 20.89
N LEU A 391 0.99 6.14 21.07
CA LEU A 391 0.57 5.38 22.26
C LEU A 391 1.21 5.97 23.52
N TYR A 392 2.50 6.27 23.46
CA TYR A 392 3.19 6.92 24.57
C TYR A 392 2.54 8.25 24.93
N MET A 393 2.31 9.09 23.91
CA MET A 393 1.70 10.40 24.12
C MET A 393 0.33 10.29 24.78
N GLY A 394 -0.48 9.35 24.29
CA GLY A 394 -1.82 9.09 24.84
C GLY A 394 -1.81 8.62 26.28
N LEU A 395 -0.76 7.87 26.64
CA LEU A 395 -0.62 7.34 28.00
C LEU A 395 0.27 8.21 28.90
N GLU A 396 0.45 9.47 28.48
CA GLU A 396 1.16 10.50 29.25
C GLU A 396 2.67 10.28 29.42
N HIS A 397 3.24 9.42 28.56
CA HIS A 397 4.70 9.24 28.52
C HIS A 397 5.28 10.14 27.45
N LYS A 398 5.30 11.44 27.72
CA LYS A 398 5.64 12.44 26.71
C LYS A 398 7.08 12.39 26.23
N ALA A 399 8.01 12.15 27.16
CA ALA A 399 9.43 12.03 26.81
C ALA A 399 9.69 10.85 25.87
N ALA A 400 9.09 9.70 26.19
CA ALA A 400 9.23 8.51 25.34
C ALA A 400 8.53 8.72 23.99
N GLY A 401 7.38 9.42 24.02
CA GLY A 401 6.62 9.73 22.82
C GLY A 401 7.39 10.63 21.88
N GLU A 402 7.99 11.68 22.42
CA GLU A 402 8.81 12.59 21.63
C GLU A 402 9.95 11.86 20.94
N LYS A 403 10.63 10.99 21.67
CA LYS A 403 11.75 10.22 21.10
C LYS A 403 11.29 9.31 19.97
N ALA A 404 10.17 8.62 20.17
CA ALA A 404 9.63 7.74 19.13
C ALA A 404 9.20 8.50 17.88
N LEU A 405 8.52 9.63 18.07
CA LEU A 405 8.07 10.45 16.94
C LEU A 405 9.25 11.01 16.13
N LYS A 406 10.32 11.37 16.83
CA LYS A 406 11.54 11.86 16.18
C LYS A 406 12.25 10.77 15.36
N LYS A 407 12.18 9.53 15.84
CA LYS A 407 12.69 8.38 15.08
C LYS A 407 11.93 8.22 13.76
N ALA A 408 10.60 8.37 13.82
CA ALA A 408 9.77 8.32 12.63
C ALA A 408 10.14 9.43 11.65
N ILE A 409 10.25 10.65 12.17
CA ILE A 409 10.60 11.81 11.35
C ILE A 409 11.93 11.62 10.61
N ALA A 410 12.93 11.04 11.28
CA ALA A 410 14.24 10.81 10.67
C ALA A 410 14.14 9.95 9.39
N ILE A 411 13.31 8.91 9.43
CA ILE A 411 13.08 8.06 8.26
C ILE A 411 12.26 8.83 7.22
N MET A 412 11.19 9.49 7.67
CA MET A 412 10.26 10.15 6.77
C MET A 412 10.85 11.33 6.02
N GLU A 413 11.81 12.03 6.61
CA GLU A 413 12.48 13.13 5.91
C GLU A 413 13.11 12.65 4.60
N VAL A 414 13.65 11.43 4.62
CA VAL A 414 14.24 10.82 3.42
C VAL A 414 13.14 10.30 2.47
N ALA A 415 12.22 9.51 3.00
CA ALA A 415 11.20 8.84 2.19
C ALA A 415 10.10 9.79 1.67
N HIS A 416 9.61 10.67 2.54
CA HIS A 416 8.51 11.57 2.20
C HIS A 416 8.96 12.96 1.77
N GLY A 417 10.23 13.29 2.00
CA GLY A 417 10.74 14.65 1.78
C GLY A 417 10.59 15.48 3.04
N LYS A 418 11.57 16.35 3.30
CA LYS A 418 11.59 17.16 4.53
C LYS A 418 10.37 18.07 4.67
N ASP A 419 9.81 18.47 3.53
CA ASP A 419 8.68 19.40 3.46
C ASP A 419 7.29 18.74 3.43
N HIS A 420 7.23 17.42 3.66
CA HIS A 420 5.96 16.70 3.60
C HIS A 420 4.99 17.13 4.71
N PRO A 421 3.69 17.32 4.36
CA PRO A 421 2.66 17.66 5.36
C PRO A 421 2.63 16.73 6.57
N TYR A 422 2.89 15.44 6.38
CA TYR A 422 2.92 14.50 7.51
C TYR A 422 3.96 14.90 8.55
N ILE A 423 5.12 15.38 8.09
CA ILE A 423 6.19 15.76 9.00
C ILE A 423 5.81 17.01 9.79
N SER A 424 5.19 17.98 9.11
CA SER A 424 4.63 19.16 9.76
C SER A 424 3.64 18.78 10.87
N GLU A 425 2.78 17.81 10.58
CA GLU A 425 1.78 17.34 11.54
C GLU A 425 2.42 16.68 12.76
N ILE A 426 3.42 15.82 12.52
CA ILE A 426 4.08 15.11 13.61
C ILE A 426 4.83 16.08 14.53
N LYS A 427 5.47 17.08 13.93
CA LYS A 427 6.14 18.13 14.69
C LYS A 427 5.15 18.88 15.58
N GLN A 428 3.95 19.13 15.06
CA GLN A 428 2.88 19.77 15.82
C GLN A 428 2.40 18.90 17.00
N GLU A 429 2.44 17.58 16.81
CA GLU A 429 2.13 16.63 17.88
C GLU A 429 3.16 16.68 19.01
N ILE A 430 4.43 16.84 18.64
CA ILE A 430 5.52 16.99 19.61
C ILE A 430 5.36 18.29 20.40
N GLU A 431 4.96 19.36 19.71
CA GLU A 431 4.77 20.67 20.33
C GLU A 431 3.50 20.76 21.18
N SER A 432 2.44 20.06 20.76
CA SER A 432 1.15 20.10 21.45
C SER A 432 1.16 19.33 22.77
N HIS A 433 1.91 18.22 22.80
CA HIS A 433 1.98 17.35 23.97
C HIS A 433 2.79 17.97 25.11
C7 3UJ B . -4.80 -2.21 -5.64
C6 3UJ B . -6.76 -11.26 -11.55
C1 3UJ B . -2.75 -5.67 -1.24
C5 3UJ B . -6.47 -3.00 -7.18
C4 3UJ B . -7.81 -11.55 -9.36
C3 3UJ B . -5.81 -1.95 -6.56
C2 3UJ B . -7.88 -11.59 -10.76
C8 3UJ B . -6.61 -11.20 -8.71
C9 3UJ B . -6.11 -4.32 -6.88
C10 3UJ B . -3.57 -4.61 -3.28
C11 3UJ B . -1.37 -4.04 -2.45
C12 3UJ B . -2.22 -2.99 -4.46
C13 3UJ B . -3.47 -10.32 -10.26
C14 3UJ B . -2.57 -4.76 -2.33
C15 3UJ B . -5.55 -10.91 -10.90
C16 3UJ B . -4.45 -3.53 -5.33
C17 3UJ B . -3.40 -3.73 -4.35
C18 3UJ B . -1.22 -3.15 -3.51
C19 3UJ B . -4.25 -10.55 -11.37
C20 3UJ B . -5.51 -10.90 -9.51
C21 3UJ B . -5.11 -4.60 -5.95
C22 3UJ B . 0.01 -2.37 -3.69
C23 3UJ B . 3.17 -3.20 -9.75
C24 3UJ B . 2.60 -1.81 -9.98
C25 3UJ B . 3.03 -3.46 -8.25
C26 3UJ B . 1.79 -1.56 -8.71
C27 3UJ B . -3.36 -6.26 -5.96
C28 3UJ B . -5.71 -6.96 -6.13
C29 3UJ B . -2.98 -7.64 -5.43
C30 3UJ B . -5.29 -8.36 -5.67
C31 3UJ B . -3.81 -10.44 -12.78
C32 3UJ B . 3.00 -2.63 -5.26
C33 3UJ B . -3.76 -10.38 -7.78
C34 3UJ B . 2.04 -2.24 -6.38
C35 3UJ B . -3.65 -8.91 -7.38
C36 3UJ B . 2.49 -2.42 -3.83
N37 3UJ B . -2.91 -6.39 -0.36
N38 3UJ B . -4.23 -10.53 -9.15
N39 3UJ B . -4.76 -5.92 -5.69
N40 3UJ B . 2.67 -2.15 -7.70
N41 3UJ B . -3.87 -8.68 -5.96
N42 3UJ B . 1.21 -3.07 -3.65
O43 3UJ B . -0.04 -1.13 -3.87
N SAH C . 7.67 -4.84 -16.15
CA SAH C . 6.28 -4.29 -16.14
CB SAH C . 6.21 -3.04 -15.27
CG SAH C . 5.96 -3.40 -13.80
SD SAH C . 4.31 -4.00 -13.53
C SAH C . 5.79 -4.02 -17.53
O SAH C . 6.45 -4.32 -18.53
OXT SAH C . 4.69 -3.49 -17.72
C5' SAH C . 4.60 -5.51 -12.66
C4' SAH C . 5.07 -6.65 -13.57
O4' SAH C . 6.44 -6.47 -13.94
C3' SAH C . 5.01 -8.01 -12.89
O3' SAH C . 3.73 -8.66 -13.05
C2' SAH C . 6.11 -8.79 -13.58
O2' SAH C . 5.63 -9.33 -14.80
C1' SAH C . 7.15 -7.72 -13.90
N9 SAH C . 8.20 -7.64 -12.87
C8 SAH C . 8.32 -6.70 -11.91
N7 SAH C . 9.42 -6.90 -11.15
C5 SAH C . 10.03 -8.02 -11.62
C6 SAH C . 11.23 -8.79 -11.27
N6 SAH C . 12.03 -8.41 -10.24
N1 SAH C . 11.50 -9.89 -12.02
C2 SAH C . 10.73 -10.28 -13.05
N3 SAH C . 9.61 -9.61 -13.43
C4 SAH C . 9.22 -8.49 -12.76
C1 GOL D . 1.08 -19.67 -12.39
O1 GOL D . 1.57 -18.41 -12.82
C2 GOL D . -0.41 -19.75 -12.74
O2 GOL D . -0.55 -19.72 -14.17
C3 GOL D . -1.07 -21.01 -12.18
O3 GOL D . -0.12 -22.08 -12.00
C1 GOL E . -7.59 12.32 -12.45
O1 GOL E . -7.00 11.84 -13.67
C2 GOL E . -9.10 12.22 -12.59
O2 GOL E . -9.55 13.18 -13.55
C3 GOL E . -9.78 12.49 -11.25
O3 GOL E . -9.42 13.80 -10.76
C1 GOL F . 16.03 -6.29 3.56
O1 GOL F . 16.29 -5.56 4.77
C2 GOL F . 14.77 -7.14 3.73
O2 GOL F . 14.87 -7.93 4.92
C3 GOL F . 14.62 -8.05 2.53
O3 GOL F . 13.43 -8.85 2.68
ZN ZN G . -23.32 12.27 -3.62
ZN ZN H . 14.07 -10.33 -4.09
ZN ZN I . -10.22 18.59 -0.85
ZN ZN J . 20.65 -4.98 -0.35
#